data_2NRJ
#
_entry.id   2NRJ
#
_cell.length_a   127.833
_cell.length_b   28.549
_cell.length_c   89.738
_cell.angle_alpha   90.00
_cell.angle_beta   105.01
_cell.angle_gamma   90.00
#
_symmetry.space_group_name_H-M   'C 1 2 1'
#
loop_
_entity.id
_entity.type
_entity.pdbx_description
1 polymer 'Hbl B protein'
2 water water
#
_entity_poly.entity_id   1
_entity_poly.type   'polypeptide(L)'
_entity_poly.pdbx_seq_one_letter_code
;SLSEIEQTNNGDTALSANEAR(MSE)KETLQKAGLFAKS(MSE)NAYSY(MSE)LIKNPDVNFEGITINGYVDLPGRIVQ
DQKNARAHAVTWDTKVKKQLLDTLNGIVEYDTTFDNYYET(MSE)VEAINTGDGETLKEGITDLRGEIQQNQKYAQQLIE
ELTKLRDSIGHDVRAFGSNKELLQSILKNQGADVDADQKRLEEVLGSVNYYKQLESDGFNV(MSE)KGAILGLPIIGGII
VGVARDNLGKLEPLLAELRQTVDYKVTLNRVVGVAYSNINE(MSE)HKALDDAINALTY(MSE)STQWHDLDSQYSGVLG
HIENAAQKADQNKFKFLKPNLNAAKDSWKTLRTDAVTLKEGIKELKVETVTPQK
;
_entity_poly.pdbx_strand_id   A
#
# COMPACT_ATOMS: atom_id res chain seq x y z
N LEU A 2 -32.16 -29.15 -5.93
CA LEU A 2 -31.69 -27.77 -6.28
C LEU A 2 -32.84 -26.88 -6.75
N SER A 3 -33.26 -25.95 -5.88
CA SER A 3 -34.37 -25.04 -6.18
C SER A 3 -34.08 -24.03 -7.28
N GLU A 4 -35.15 -23.42 -7.79
CA GLU A 4 -35.03 -22.41 -8.83
C GLU A 4 -34.23 -21.22 -8.32
N ILE A 5 -34.45 -20.86 -7.05
CA ILE A 5 -33.74 -19.74 -6.45
C ILE A 5 -32.25 -20.06 -6.32
N GLU A 6 -31.93 -21.28 -5.94
CA GLU A 6 -30.54 -21.67 -5.80
C GLU A 6 -29.83 -21.70 -7.17
N GLN A 7 -30.61 -21.75 -8.24
CA GLN A 7 -30.05 -21.78 -9.59
C GLN A 7 -29.75 -20.41 -10.21
N THR A 8 -30.12 -19.34 -9.51
CA THR A 8 -29.83 -18.00 -10.02
C THR A 8 -28.39 -17.69 -9.67
N ASN A 9 -27.60 -17.27 -10.65
CA ASN A 9 -26.20 -16.92 -10.44
C ASN A 9 -26.21 -15.70 -9.52
N ASN A 10 -26.38 -15.96 -8.23
CA ASN A 10 -26.45 -14.91 -7.22
C ASN A 10 -25.11 -14.57 -6.58
N GLY A 11 -25.06 -13.41 -5.93
CA GLY A 11 -23.85 -12.94 -5.29
C GLY A 11 -23.25 -13.76 -4.18
N ASP A 12 -24.06 -14.52 -3.45
CA ASP A 12 -23.51 -15.31 -2.36
C ASP A 12 -22.88 -16.64 -2.78
N THR A 13 -22.91 -16.92 -4.08
CA THR A 13 -22.31 -18.16 -4.60
C THR A 13 -21.48 -17.85 -5.83
N ALA A 14 -21.21 -16.56 -6.04
CA ALA A 14 -20.41 -16.12 -7.18
C ALA A 14 -18.98 -16.65 -7.09
N LEU A 15 -18.46 -17.10 -8.21
CA LEU A 15 -17.09 -17.59 -8.28
C LEU A 15 -16.14 -16.39 -8.46
N SER A 16 -16.73 -15.23 -8.72
CA SER A 16 -15.98 -13.99 -8.93
C SER A 16 -15.81 -13.24 -7.61
N ALA A 17 -14.75 -12.45 -7.55
CA ALA A 17 -14.48 -11.61 -6.40
C ALA A 17 -15.25 -10.35 -6.77
N ASN A 18 -15.26 -9.36 -5.89
CA ASN A 18 -15.95 -8.10 -6.21
C ASN A 18 -14.92 -7.28 -6.99
N GLU A 19 -14.96 -7.42 -8.31
CA GLU A 19 -14.04 -6.75 -9.22
C GLU A 19 -13.80 -5.27 -8.98
N ALA A 20 -14.87 -4.49 -8.97
CA ALA A 20 -14.77 -3.05 -8.75
C ALA A 20 -13.99 -2.73 -7.46
N ARG A 21 -14.38 -3.38 -6.36
CA ARG A 21 -13.72 -3.15 -5.07
C ARG A 21 -12.27 -3.62 -5.04
N MSE A 22 -11.99 -4.76 -5.65
CA MSE A 22 -10.63 -5.27 -5.68
C MSE A 22 -9.71 -4.36 -6.50
O MSE A 22 -8.56 -4.14 -6.12
CB MSE A 22 -10.58 -6.69 -6.24
CG MSE A 22 -10.85 -7.76 -5.20
SE MSE A 22 -9.58 -7.70 -3.73
CE MSE A 22 -8.06 -8.45 -4.66
N LYS A 23 -10.21 -3.83 -7.61
CA LYS A 23 -9.40 -2.95 -8.43
C LYS A 23 -9.13 -1.63 -7.70
N GLU A 24 -10.08 -1.18 -6.89
CA GLU A 24 -9.90 0.05 -6.13
C GLU A 24 -8.76 -0.20 -5.18
N THR A 25 -8.79 -1.39 -4.59
CA THR A 25 -7.80 -1.82 -3.61
C THR A 25 -6.39 -1.87 -4.21
N LEU A 26 -6.26 -2.44 -5.40
CA LEU A 26 -4.96 -2.52 -6.04
C LEU A 26 -4.46 -1.10 -6.29
N GLN A 27 -5.29 -0.27 -6.92
CA GLN A 27 -4.92 1.11 -7.21
C GLN A 27 -4.39 1.79 -5.97
N LYS A 28 -5.10 1.62 -4.86
CA LYS A 28 -4.70 2.21 -3.59
C LYS A 28 -3.37 1.65 -3.13
N ALA A 29 -3.20 0.33 -3.24
CA ALA A 29 -1.96 -0.32 -2.84
C ALA A 29 -0.79 0.29 -3.58
N GLY A 30 -1.03 0.73 -4.82
CA GLY A 30 0.00 1.34 -5.63
C GLY A 30 0.31 2.77 -5.23
N LEU A 31 -0.72 3.55 -4.94
CA LEU A 31 -0.53 4.95 -4.53
C LEU A 31 0.26 4.92 -3.22
N PHE A 32 -0.17 4.03 -2.35
CA PHE A 32 0.44 3.79 -1.04
C PHE A 32 1.94 3.52 -1.18
N ALA A 33 2.29 2.49 -1.95
CA ALA A 33 3.69 2.11 -2.15
C ALA A 33 4.53 3.26 -2.71
N LYS A 34 4.03 3.96 -3.71
CA LYS A 34 4.76 5.08 -4.31
C LYS A 34 5.10 6.09 -3.23
N SER A 35 4.15 6.35 -2.32
CA SER A 35 4.35 7.27 -1.21
C SER A 35 5.40 6.74 -0.24
N MSE A 36 5.21 5.50 0.20
CA MSE A 36 6.13 4.89 1.15
C MSE A 36 7.57 4.89 0.64
O MSE A 36 8.50 5.15 1.41
CB MSE A 36 5.68 3.45 1.45
CG MSE A 36 4.37 3.37 2.21
SE MSE A 36 4.51 4.06 4.05
CE MSE A 36 5.06 2.40 4.90
N ASN A 37 7.75 4.62 -0.65
CA ASN A 37 9.08 4.61 -1.25
C ASN A 37 9.70 6.01 -1.22
N ALA A 38 8.87 7.05 -1.34
CA ALA A 38 9.38 8.42 -1.34
C ALA A 38 9.85 8.79 0.07
N TYR A 39 9.06 8.43 1.07
CA TYR A 39 9.42 8.71 2.45
C TYR A 39 10.65 7.94 2.85
N SER A 40 10.75 6.70 2.38
CA SER A 40 11.89 5.83 2.67
C SER A 40 13.15 6.38 2.05
N TYR A 41 13.05 6.79 0.79
CA TYR A 41 14.18 7.35 0.06
C TYR A 41 14.76 8.55 0.81
N MSE A 42 13.89 9.48 1.17
CA MSE A 42 14.30 10.69 1.89
C MSE A 42 14.93 10.42 3.24
O MSE A 42 15.96 11.00 3.59
CB MSE A 42 13.10 11.64 2.05
CG MSE A 42 12.75 12.37 0.77
SE MSE A 42 11.39 13.72 1.00
CE MSE A 42 12.51 15.19 1.53
N LEU A 43 14.30 9.55 4.03
CA LEU A 43 14.82 9.22 5.35
C LEU A 43 16.22 8.65 5.31
N ILE A 44 16.48 7.74 4.37
CA ILE A 44 17.79 7.13 4.26
C ILE A 44 18.81 8.02 3.53
N LYS A 45 18.31 8.95 2.73
CA LYS A 45 19.19 9.83 1.96
C LYS A 45 19.58 11.13 2.65
N ASN A 46 18.69 11.67 3.48
CA ASN A 46 18.97 12.93 4.16
C ASN A 46 20.10 12.86 5.19
N PRO A 47 20.78 13.99 5.41
CA PRO A 47 21.91 14.15 6.35
C PRO A 47 21.62 13.72 7.77
N ASP A 48 22.64 13.17 8.42
CA ASP A 48 22.53 12.76 9.82
C ASP A 48 22.48 14.05 10.60
N VAL A 49 21.47 14.24 11.43
CA VAL A 49 21.37 15.48 12.20
C VAL A 49 22.65 15.68 13.01
N ASN A 50 23.17 16.91 13.04
CA ASN A 50 24.41 17.22 13.75
C ASN A 50 24.30 18.47 14.64
N PHE A 51 24.48 18.30 15.95
CA PHE A 51 24.39 19.41 16.89
C PHE A 51 25.74 19.89 17.43
N GLU A 52 26.78 19.82 16.60
CA GLU A 52 28.12 20.24 17.04
C GLU A 52 28.23 21.68 17.54
N GLY A 53 27.91 22.65 16.68
CA GLY A 53 28.01 24.03 17.11
C GLY A 53 26.67 24.71 17.37
N ILE A 54 25.64 23.92 17.64
CA ILE A 54 24.31 24.48 17.88
C ILE A 54 24.09 24.77 19.37
N THR A 55 23.49 25.92 19.67
CA THR A 55 23.19 26.29 21.05
C THR A 55 21.81 25.73 21.38
N ILE A 56 21.71 24.95 22.46
CA ILE A 56 20.44 24.33 22.84
C ILE A 56 19.82 24.93 24.11
N ASN A 57 20.33 26.08 24.52
CA ASN A 57 19.82 26.78 25.70
C ASN A 57 19.51 25.91 26.91
N GLY A 58 20.44 25.04 27.29
CA GLY A 58 20.23 24.21 28.48
C GLY A 58 19.48 22.90 28.36
N TYR A 59 18.91 22.60 27.20
CA TYR A 59 18.19 21.34 27.00
C TYR A 59 19.18 20.33 26.44
N VAL A 60 20.26 20.12 27.20
CA VAL A 60 21.34 19.24 26.82
C VAL A 60 20.99 17.82 26.40
N ASP A 61 19.79 17.37 26.73
CA ASP A 61 19.36 16.02 26.36
C ASP A 61 18.73 15.97 24.97
N LEU A 62 18.23 17.11 24.50
CA LEU A 62 17.56 17.18 23.19
C LEU A 62 18.35 16.63 22.00
N PRO A 63 19.64 17.01 21.87
CA PRO A 63 20.42 16.49 20.73
C PRO A 63 20.38 14.96 20.68
N GLY A 64 20.60 14.33 21.83
CA GLY A 64 20.59 12.88 21.89
C GLY A 64 19.24 12.33 21.44
N ARG A 65 18.17 12.96 21.91
CA ARG A 65 16.83 12.54 21.53
C ARG A 65 16.56 12.65 20.03
N ILE A 66 16.82 13.81 19.43
CA ILE A 66 16.59 14.01 18.01
C ILE A 66 17.40 13.01 17.18
N VAL A 67 18.68 12.84 17.52
CA VAL A 67 19.51 11.89 16.79
C VAL A 67 18.88 10.51 16.84
N GLN A 68 18.36 10.13 18.00
CA GLN A 68 17.73 8.82 18.14
C GLN A 68 16.41 8.80 17.33
N ASP A 69 15.71 9.93 17.32
CA ASP A 69 14.47 10.01 16.55
C ASP A 69 14.76 9.69 15.10
N GLN A 70 15.80 10.29 14.55
CA GLN A 70 16.17 10.03 13.16
C GLN A 70 16.52 8.56 12.94
N LYS A 71 17.28 7.98 13.86
CA LYS A 71 17.69 6.59 13.75
C LYS A 71 16.47 5.66 13.82
N ASN A 72 15.48 6.03 14.64
CA ASN A 72 14.27 5.24 14.75
C ASN A 72 13.51 5.31 13.42
N ALA A 73 13.41 6.51 12.85
CA ALA A 73 12.71 6.72 11.59
C ALA A 73 13.33 5.91 10.47
N ARG A 74 14.66 5.97 10.35
CA ARG A 74 15.37 5.23 9.30
C ARG A 74 15.18 3.73 9.40
N ALA A 75 15.25 3.22 10.63
CA ALA A 75 15.05 1.78 10.85
C ALA A 75 13.64 1.40 10.37
N HIS A 76 12.67 2.28 10.56
CA HIS A 76 11.31 1.99 10.11
C HIS A 76 11.22 1.95 8.59
N ALA A 77 11.92 2.86 7.92
CA ALA A 77 11.92 2.91 6.46
C ALA A 77 12.52 1.61 5.90
N VAL A 78 13.53 1.08 6.59
CA VAL A 78 14.17 -0.15 6.14
C VAL A 78 13.21 -1.31 6.28
N THR A 79 12.45 -1.32 7.37
CA THR A 79 11.46 -2.38 7.62
C THR A 79 10.46 -2.43 6.47
N TRP A 80 10.11 -1.26 5.95
CA TRP A 80 9.19 -1.17 4.81
C TRP A 80 9.88 -1.70 3.58
N ASP A 81 11.06 -1.15 3.29
CA ASP A 81 11.84 -1.54 2.13
C ASP A 81 12.15 -3.02 2.04
N THR A 82 12.49 -3.64 3.15
CA THR A 82 12.87 -5.05 3.12
C THR A 82 11.91 -6.11 3.61
N LYS A 83 10.90 -5.69 4.37
CA LYS A 83 9.91 -6.60 4.93
C LYS A 83 8.50 -6.35 4.50
N VAL A 84 7.91 -5.21 4.85
CA VAL A 84 6.53 -4.92 4.46
C VAL A 84 6.32 -4.90 2.93
N LYS A 85 7.17 -4.20 2.20
CA LYS A 85 7.05 -4.12 0.75
C LYS A 85 6.94 -5.53 0.17
N LYS A 86 7.84 -6.42 0.59
CA LYS A 86 7.85 -7.81 0.13
C LYS A 86 6.53 -8.52 0.38
N GLN A 87 5.99 -8.35 1.58
CA GLN A 87 4.73 -8.97 1.96
C GLN A 87 3.64 -8.47 1.01
N LEU A 88 3.63 -7.17 0.75
CA LEU A 88 2.65 -6.60 -0.15
C LEU A 88 2.76 -7.29 -1.51
N LEU A 89 3.99 -7.45 -1.98
CA LEU A 89 4.24 -8.10 -3.26
C LEU A 89 3.83 -9.58 -3.29
N ASP A 90 4.06 -10.30 -2.20
CA ASP A 90 3.68 -11.72 -2.16
C ASP A 90 2.17 -11.87 -2.23
N THR A 91 1.47 -11.01 -1.52
CA THR A 91 0.01 -11.02 -1.50
C THR A 91 -0.53 -10.75 -2.90
N LEU A 92 0.06 -9.79 -3.59
CA LEU A 92 -0.39 -9.48 -4.94
C LEU A 92 -0.13 -10.69 -5.84
N ASN A 93 0.99 -11.36 -5.60
CA ASN A 93 1.35 -12.54 -6.38
C ASN A 93 0.37 -13.69 -6.13
N GLY A 94 -0.32 -13.64 -5.00
CA GLY A 94 -1.29 -14.65 -4.65
C GLY A 94 -2.48 -14.53 -5.60
N ILE A 95 -2.90 -13.29 -5.86
CA ILE A 95 -4.00 -13.02 -6.78
C ILE A 95 -3.65 -13.58 -8.15
N VAL A 96 -2.42 -13.34 -8.59
CA VAL A 96 -1.97 -13.82 -9.89
C VAL A 96 -2.02 -15.35 -9.93
N GLU A 97 -1.41 -16.00 -8.93
CA GLU A 97 -1.39 -17.45 -8.87
C GLU A 97 -2.79 -18.04 -8.82
N TYR A 98 -3.70 -17.36 -8.13
CA TYR A 98 -5.07 -17.85 -8.05
C TYR A 98 -5.68 -17.85 -9.44
N ASP A 99 -5.48 -16.77 -10.18
CA ASP A 99 -6.02 -16.70 -11.54
C ASP A 99 -5.42 -17.80 -12.40
N THR A 100 -4.13 -18.04 -12.24
CA THR A 100 -3.45 -19.08 -13.00
C THR A 100 -4.13 -20.41 -12.75
N THR A 101 -4.41 -20.70 -11.48
CA THR A 101 -5.08 -21.95 -11.15
C THR A 101 -6.49 -21.95 -11.74
N PHE A 102 -7.24 -20.86 -11.54
CA PHE A 102 -8.60 -20.80 -12.08
C PHE A 102 -8.54 -21.03 -13.60
N ASP A 103 -7.62 -20.34 -14.26
CA ASP A 103 -7.44 -20.45 -15.70
C ASP A 103 -7.20 -21.93 -16.10
N ASN A 104 -6.23 -22.56 -15.44
CA ASN A 104 -5.88 -23.96 -15.71
C ASN A 104 -7.06 -24.94 -15.60
N TYR A 105 -7.93 -24.69 -14.61
CA TYR A 105 -9.10 -25.54 -14.39
C TYR A 105 -10.28 -25.22 -15.30
N TYR A 106 -10.31 -24.00 -15.82
CA TYR A 106 -11.43 -23.54 -16.64
C TYR A 106 -12.00 -24.51 -17.66
N GLU A 107 -11.17 -24.92 -18.62
CA GLU A 107 -11.63 -25.82 -19.66
C GLU A 107 -12.22 -27.09 -19.10
N THR A 108 -11.56 -27.68 -18.12
CA THR A 108 -12.01 -28.91 -17.49
C THR A 108 -13.35 -28.70 -16.77
N MSE A 109 -13.53 -27.53 -16.18
CA MSE A 109 -14.76 -27.20 -15.46
C MSE A 109 -15.95 -27.07 -16.41
O MSE A 109 -17.06 -27.51 -16.10
CB MSE A 109 -14.57 -25.94 -14.63
CG MSE A 109 -13.57 -26.10 -13.49
SE MSE A 109 -14.06 -27.45 -12.14
CE MSE A 109 -15.19 -26.35 -11.01
N VAL A 110 -15.72 -26.44 -17.56
CA VAL A 110 -16.77 -26.26 -18.56
C VAL A 110 -17.22 -27.65 -19.07
N GLU A 111 -16.23 -28.49 -19.36
CA GLU A 111 -16.51 -29.85 -19.85
C GLU A 111 -17.30 -30.64 -18.80
N ALA A 112 -16.93 -30.48 -17.53
CA ALA A 112 -17.63 -31.18 -16.46
C ALA A 112 -19.07 -30.70 -16.39
N ILE A 113 -19.29 -29.40 -16.55
CA ILE A 113 -20.66 -28.89 -16.52
C ILE A 113 -21.42 -29.49 -17.69
N ASN A 114 -20.82 -29.44 -18.87
CA ASN A 114 -21.45 -29.97 -20.07
C ASN A 114 -21.72 -31.47 -20.07
N THR A 115 -20.92 -32.25 -19.34
CA THR A 115 -21.12 -33.70 -19.33
C THR A 115 -21.82 -34.26 -18.10
N GLY A 116 -22.15 -33.38 -17.15
CA GLY A 116 -22.82 -33.83 -15.94
C GLY A 116 -21.87 -34.55 -14.99
N ASP A 117 -20.60 -34.15 -15.02
CA ASP A 117 -19.56 -34.75 -14.19
C ASP A 117 -19.44 -34.03 -12.83
N GLY A 118 -20.33 -34.38 -11.90
CA GLY A 118 -20.32 -33.77 -10.58
C GLY A 118 -19.04 -33.87 -9.79
N GLU A 119 -18.42 -35.04 -9.79
CA GLU A 119 -17.18 -35.25 -9.04
C GLU A 119 -16.06 -34.27 -9.42
N THR A 120 -15.88 -34.08 -10.71
CA THR A 120 -14.86 -33.17 -11.20
C THR A 120 -15.18 -31.76 -10.71
N LEU A 121 -16.45 -31.38 -10.80
CA LEU A 121 -16.85 -30.04 -10.35
C LEU A 121 -16.53 -29.83 -8.88
N LYS A 122 -16.88 -30.80 -8.03
CA LYS A 122 -16.60 -30.68 -6.61
C LYS A 122 -15.11 -30.59 -6.31
N GLU A 123 -14.33 -31.40 -7.01
CA GLU A 123 -12.89 -31.42 -6.81
C GLU A 123 -12.29 -30.07 -7.19
N GLY A 124 -12.67 -29.57 -8.36
CA GLY A 124 -12.16 -28.28 -8.80
C GLY A 124 -12.45 -27.19 -7.80
N ILE A 125 -13.73 -27.04 -7.43
CA ILE A 125 -14.13 -26.02 -6.47
C ILE A 125 -13.40 -26.19 -5.13
N THR A 126 -13.32 -27.42 -4.64
CA THR A 126 -12.63 -27.69 -3.37
C THR A 126 -11.16 -27.25 -3.44
N ASP A 127 -10.50 -27.55 -4.55
CA ASP A 127 -9.11 -27.16 -4.75
C ASP A 127 -8.97 -25.64 -4.73
N LEU A 128 -9.89 -24.98 -5.42
CA LEU A 128 -9.87 -23.52 -5.49
C LEU A 128 -10.16 -22.91 -4.12
N ARG A 129 -11.09 -23.52 -3.38
CA ARG A 129 -11.42 -23.04 -2.05
C ARG A 129 -10.14 -23.12 -1.20
N GLY A 130 -9.33 -24.13 -1.48
CA GLY A 130 -8.08 -24.31 -0.76
C GLY A 130 -7.09 -23.21 -1.10
N GLU A 131 -7.13 -22.73 -2.34
CA GLU A 131 -6.23 -21.65 -2.75
C GLU A 131 -6.71 -20.34 -2.15
N ILE A 132 -8.02 -20.18 -2.06
CA ILE A 132 -8.61 -18.97 -1.49
C ILE A 132 -8.18 -18.86 -0.03
N GLN A 133 -8.32 -19.97 0.71
CA GLN A 133 -7.95 -20.00 2.11
C GLN A 133 -6.49 -19.63 2.31
N GLN A 134 -5.65 -20.01 1.34
CA GLN A 134 -4.23 -19.67 1.40
C GLN A 134 -4.10 -18.14 1.26
N ASN A 135 -4.85 -17.59 0.32
CA ASN A 135 -4.84 -16.15 0.08
C ASN A 135 -5.36 -15.39 1.29
N GLN A 136 -6.26 -16.01 2.04
CA GLN A 136 -6.79 -15.38 3.25
C GLN A 136 -5.59 -15.15 4.18
N LYS A 137 -4.71 -16.13 4.25
CA LYS A 137 -3.52 -16.03 5.09
C LYS A 137 -2.59 -14.91 4.63
N TYR A 138 -2.33 -14.83 3.32
CA TYR A 138 -1.46 -13.79 2.80
C TYR A 138 -1.98 -12.40 3.19
N ALA A 139 -3.26 -12.16 2.92
CA ALA A 139 -3.88 -10.88 3.23
C ALA A 139 -3.83 -10.56 4.71
N GLN A 140 -4.11 -11.57 5.53
CA GLN A 140 -4.09 -11.40 6.98
C GLN A 140 -2.67 -11.08 7.48
N GLN A 141 -1.67 -11.72 6.89
CA GLN A 141 -0.30 -11.48 7.30
C GLN A 141 0.11 -10.08 6.88
N LEU A 142 -0.39 -9.64 5.73
CA LEU A 142 -0.08 -8.29 5.26
C LEU A 142 -0.62 -7.29 6.27
N ILE A 143 -1.91 -7.39 6.57
CA ILE A 143 -2.54 -6.48 7.52
C ILE A 143 -1.80 -6.48 8.86
N GLU A 144 -1.32 -7.65 9.28
CA GLU A 144 -0.59 -7.76 10.54
C GLU A 144 0.74 -7.00 10.52
N GLU A 145 1.48 -7.12 9.42
CA GLU A 145 2.77 -6.45 9.29
C GLU A 145 2.60 -4.95 9.17
N LEU A 146 1.56 -4.53 8.46
CA LEU A 146 1.28 -3.12 8.29
C LEU A 146 0.92 -2.53 9.65
N THR A 147 0.11 -3.24 10.42
CA THR A 147 -0.31 -2.77 11.74
C THR A 147 0.86 -2.73 12.73
N LYS A 148 1.72 -3.74 12.65
CA LYS A 148 2.88 -3.83 13.53
C LYS A 148 3.79 -2.62 13.25
N LEU A 149 4.05 -2.37 11.97
CA LEU A 149 4.89 -1.26 11.57
C LEU A 149 4.26 0.06 11.95
N ARG A 150 2.95 0.18 11.77
CA ARG A 150 2.25 1.41 12.11
C ARG A 150 2.27 1.65 13.62
N ASP A 151 1.96 0.62 14.41
CA ASP A 151 1.97 0.75 15.85
C ASP A 151 3.31 1.22 16.35
N SER A 152 4.36 0.54 15.88
CA SER A 152 5.73 0.86 16.27
C SER A 152 6.06 2.33 15.97
N ILE A 153 5.73 2.77 14.76
CA ILE A 153 6.00 4.15 14.37
C ILE A 153 5.23 5.14 15.24
N GLY A 154 3.97 4.86 15.49
CA GLY A 154 3.14 5.73 16.31
C GLY A 154 3.83 6.21 17.59
N HIS A 155 4.43 5.27 18.31
CA HIS A 155 5.11 5.62 19.55
C HIS A 155 6.31 6.53 19.26
N ASP A 156 7.02 6.25 18.17
CA ASP A 156 8.17 7.07 17.83
C ASP A 156 7.84 8.46 17.32
N VAL A 157 6.76 8.60 16.56
CA VAL A 157 6.40 9.92 16.04
C VAL A 157 5.91 10.89 17.12
N ARG A 158 5.19 10.38 18.10
CA ARG A 158 4.70 11.23 19.18
C ARG A 158 5.89 11.78 19.97
N ALA A 159 6.89 10.93 20.19
CA ALA A 159 8.09 11.34 20.90
C ALA A 159 8.84 12.34 20.02
N PHE A 160 9.07 11.96 18.77
CA PHE A 160 9.77 12.81 17.80
C PHE A 160 9.08 14.17 17.72
N GLY A 161 7.75 14.15 17.69
CA GLY A 161 6.97 15.38 17.62
C GLY A 161 7.27 16.35 18.75
N SER A 162 7.34 15.84 19.98
CA SER A 162 7.60 16.68 21.12
C SER A 162 8.99 17.28 21.04
N ASN A 163 9.96 16.44 20.72
CA ASN A 163 11.34 16.88 20.63
C ASN A 163 11.53 17.93 19.52
N LYS A 164 10.93 17.70 18.35
CA LYS A 164 11.07 18.63 17.25
C LYS A 164 10.39 19.97 17.53
N GLU A 165 9.29 19.94 18.29
CA GLU A 165 8.60 21.18 18.62
C GLU A 165 9.50 21.97 19.57
N LEU A 166 10.09 21.28 20.53
CA LEU A 166 10.96 21.94 21.48
C LEU A 166 12.14 22.57 20.73
N LEU A 167 12.79 21.79 19.87
CA LEU A 167 13.92 22.32 19.12
C LEU A 167 13.49 23.58 18.36
N GLN A 168 12.35 23.52 17.69
CA GLN A 168 11.86 24.68 16.94
C GLN A 168 11.78 25.91 17.84
N SER A 169 11.21 25.73 19.02
CA SER A 169 11.10 26.84 19.98
C SER A 169 12.47 27.42 20.30
N ILE A 170 13.41 26.55 20.65
CA ILE A 170 14.76 26.97 20.99
C ILE A 170 15.38 27.81 19.87
N LEU A 171 15.26 27.32 18.64
CA LEU A 171 15.82 28.02 17.49
C LEU A 171 15.06 29.34 17.24
N LYS A 172 13.75 29.31 17.41
CA LYS A 172 12.94 30.50 17.22
C LYS A 172 13.38 31.56 18.23
N ASN A 173 13.61 31.11 19.46
CA ASN A 173 14.02 31.98 20.55
C ASN A 173 15.35 32.65 20.24
N GLN A 174 16.10 32.06 19.31
CA GLN A 174 17.39 32.61 18.93
C GLN A 174 17.27 33.50 17.69
N GLY A 175 16.03 33.72 17.25
CA GLY A 175 15.81 34.56 16.09
C GLY A 175 15.68 33.81 14.77
N ALA A 176 15.77 32.49 14.80
CA ALA A 176 15.65 31.70 13.57
C ALA A 176 14.26 31.85 12.96
N ASP A 177 14.22 31.95 11.63
CA ASP A 177 12.96 32.11 10.90
C ASP A 177 12.33 30.74 10.59
N VAL A 178 12.37 29.86 11.57
CA VAL A 178 11.86 28.49 11.43
C VAL A 178 10.35 28.28 11.25
N ASP A 179 9.52 29.11 11.87
CA ASP A 179 8.08 28.94 11.71
C ASP A 179 7.69 29.07 10.24
N ALA A 180 8.29 30.04 9.56
CA ALA A 180 8.00 30.27 8.15
C ALA A 180 8.59 29.18 7.29
N ASP A 181 9.81 28.76 7.60
CA ASP A 181 10.46 27.73 6.82
C ASP A 181 9.76 26.37 6.95
N GLN A 182 9.18 26.12 8.13
CA GLN A 182 8.46 24.87 8.37
C GLN A 182 7.26 24.77 7.43
N LYS A 183 6.58 25.89 7.24
CA LYS A 183 5.41 25.98 6.38
C LYS A 183 5.79 25.71 4.93
N ARG A 184 6.87 26.33 4.47
CA ARG A 184 7.34 26.15 3.10
C ARG A 184 7.74 24.70 2.84
N LEU A 185 8.49 24.14 3.78
CA LEU A 185 8.96 22.76 3.67
C LEU A 185 7.80 21.77 3.64
N GLU A 186 6.75 22.06 4.39
CA GLU A 186 5.58 21.19 4.42
C GLU A 186 4.82 21.26 3.11
N GLU A 187 4.80 22.43 2.48
CA GLU A 187 4.10 22.56 1.21
C GLU A 187 4.88 21.86 0.10
N VAL A 188 6.20 22.01 0.12
CA VAL A 188 7.05 21.38 -0.88
C VAL A 188 6.94 19.86 -0.86
N LEU A 189 6.72 19.29 0.32
CA LEU A 189 6.63 17.85 0.48
C LEU A 189 5.27 17.24 0.18
N GLY A 190 4.30 18.09 -0.11
CA GLY A 190 2.96 17.60 -0.42
C GLY A 190 2.79 16.77 -1.68
N SER A 191 3.51 17.11 -2.74
CA SER A 191 3.36 16.42 -4.01
C SER A 191 3.61 14.91 -4.02
N VAL A 192 4.34 14.37 -3.04
CA VAL A 192 4.56 12.93 -3.03
C VAL A 192 3.60 12.15 -2.13
N ASN A 193 2.58 12.81 -1.62
CA ASN A 193 1.60 12.12 -0.78
C ASN A 193 0.52 11.50 -1.67
N TYR A 194 0.96 10.62 -2.56
CA TYR A 194 0.07 9.95 -3.50
C TYR A 194 -1.04 9.16 -2.80
N TYR A 195 -0.74 8.62 -1.64
CA TYR A 195 -1.70 7.81 -0.90
C TYR A 195 -2.99 8.59 -0.57
N LYS A 196 -2.90 9.92 -0.56
CA LYS A 196 -4.05 10.76 -0.25
C LYS A 196 -4.90 11.02 -1.48
N GLN A 197 -4.33 10.76 -2.66
CA GLN A 197 -5.03 10.97 -3.92
C GLN A 197 -6.26 10.10 -4.10
N LEU A 198 -7.26 10.66 -4.78
CA LEU A 198 -8.50 9.97 -5.06
C LEU A 198 -8.44 9.44 -6.50
N GLU A 199 -9.53 8.81 -6.95
CA GLU A 199 -9.60 8.26 -8.30
C GLU A 199 -8.77 7.00 -8.45
N GLY A 202 -6.63 4.37 -13.77
CA GLY A 202 -5.95 3.09 -13.90
C GLY A 202 -4.76 3.02 -12.97
N PHE A 203 -3.57 2.86 -13.54
CA PHE A 203 -2.34 2.78 -12.74
C PHE A 203 -1.33 3.82 -13.26
N ASN A 204 -1.83 4.80 -14.00
CA ASN A 204 -0.97 5.82 -14.59
C ASN A 204 -0.20 6.65 -13.57
N VAL A 205 -0.85 7.01 -12.46
CA VAL A 205 -0.22 7.81 -11.40
C VAL A 205 1.16 7.27 -11.06
N MSE A 206 1.37 5.98 -11.34
CA MSE A 206 2.63 5.31 -11.08
C MSE A 206 3.78 5.70 -12.01
O MSE A 206 4.93 5.74 -11.58
CB MSE A 206 2.44 3.79 -11.19
CG MSE A 206 3.04 3.04 -10.03
SE MSE A 206 1.79 2.99 -8.58
CE MSE A 206 0.80 1.45 -9.23
N LYS A 207 3.47 5.98 -13.28
CA LYS A 207 4.48 6.35 -14.27
C LYS A 207 5.17 7.68 -13.97
N GLY A 208 4.47 8.56 -13.25
CA GLY A 208 5.04 9.85 -12.92
C GLY A 208 6.34 9.71 -12.14
N ALA A 209 7.37 10.43 -12.56
CA ALA A 209 8.66 10.34 -11.90
C ALA A 209 8.77 11.26 -10.69
N ILE A 210 9.58 10.83 -9.72
CA ILE A 210 9.83 11.60 -8.52
C ILE A 210 11.31 11.99 -8.55
N LEU A 211 11.57 13.28 -8.33
CA LEU A 211 12.95 13.73 -8.34
C LEU A 211 13.39 14.05 -6.92
N GLY A 212 14.62 13.68 -6.59
CA GLY A 212 15.17 14.00 -5.29
C GLY A 212 15.90 15.30 -5.51
N LEU A 213 15.31 16.41 -5.09
CA LEU A 213 15.90 17.72 -5.26
C LEU A 213 16.83 18.13 -4.14
N PRO A 214 18.03 18.63 -4.49
CA PRO A 214 18.97 19.06 -3.46
C PRO A 214 18.68 20.49 -3.05
N ILE A 215 18.64 20.73 -1.75
CA ILE A 215 18.41 22.06 -1.22
C ILE A 215 19.52 22.29 -0.19
N ILE A 216 19.82 23.55 0.09
CA ILE A 216 20.88 23.90 1.03
C ILE A 216 20.82 23.13 2.34
N GLY A 217 21.99 22.73 2.83
CA GLY A 217 22.06 21.98 4.07
C GLY A 217 22.26 20.50 3.80
N GLY A 218 22.47 20.17 2.53
CA GLY A 218 22.67 18.78 2.14
C GLY A 218 21.37 18.03 2.17
N ILE A 219 20.27 18.76 2.32
CA ILE A 219 18.94 18.18 2.37
C ILE A 219 18.40 17.87 0.98
N ILE A 220 17.69 16.76 0.88
CA ILE A 220 17.11 16.33 -0.38
C ILE A 220 15.61 16.16 -0.22
N VAL A 221 14.84 16.83 -1.07
CA VAL A 221 13.40 16.72 -1.01
C VAL A 221 12.83 16.03 -2.24
N GLY A 222 11.93 15.08 -2.03
CA GLY A 222 11.33 14.36 -3.15
C GLY A 222 10.14 15.11 -3.70
N VAL A 223 10.16 15.42 -5.00
CA VAL A 223 9.03 16.13 -5.61
C VAL A 223 8.64 15.47 -6.91
N ALA A 224 7.34 15.41 -7.16
CA ALA A 224 6.82 14.82 -8.39
C ALA A 224 7.34 15.71 -9.50
N ARG A 225 7.94 15.08 -10.51
CA ARG A 225 8.49 15.80 -11.66
C ARG A 225 7.48 16.76 -12.30
N ASP A 226 6.22 16.40 -12.31
CA ASP A 226 5.21 17.26 -12.92
C ASP A 226 4.62 18.33 -12.01
N ASN A 227 5.30 18.61 -10.91
CA ASN A 227 4.87 19.63 -9.95
C ASN A 227 5.96 20.69 -9.79
N LEU A 228 7.05 20.53 -10.54
CA LEU A 228 8.18 21.47 -10.50
C LEU A 228 7.71 22.91 -10.74
N GLY A 229 6.97 23.11 -11.81
CA GLY A 229 6.47 24.44 -12.12
C GLY A 229 5.65 25.02 -10.99
N LYS A 230 4.67 24.26 -10.51
CA LYS A 230 3.82 24.71 -9.41
C LYS A 230 4.60 25.08 -8.16
N LEU A 231 5.61 24.28 -7.81
CA LEU A 231 6.43 24.51 -6.63
C LEU A 231 7.61 25.45 -6.85
N GLU A 232 7.78 25.91 -8.09
CA GLU A 232 8.89 26.79 -8.45
C GLU A 232 9.15 27.92 -7.45
N PRO A 233 8.10 28.64 -7.02
CA PRO A 233 8.26 29.74 -6.05
C PRO A 233 8.86 29.28 -4.72
N LEU A 234 8.32 28.19 -4.18
CA LEU A 234 8.81 27.66 -2.90
C LEU A 234 10.24 27.14 -3.05
N LEU A 235 10.48 26.40 -4.12
CA LEU A 235 11.81 25.85 -4.35
C LEU A 235 12.87 26.94 -4.39
N ALA A 236 12.52 28.09 -4.95
CA ALA A 236 13.46 29.20 -5.02
C ALA A 236 13.80 29.64 -3.59
N GLU A 237 12.77 29.87 -2.80
CA GLU A 237 12.93 30.29 -1.40
C GLU A 237 13.83 29.37 -0.59
N LEU A 238 13.58 28.06 -0.68
CA LEU A 238 14.37 27.08 0.04
C LEU A 238 15.82 27.08 -0.39
N ARG A 239 16.06 27.48 -1.63
CA ARG A 239 17.43 27.51 -2.16
C ARG A 239 18.23 28.71 -1.68
N GLN A 240 17.56 29.68 -1.06
CA GLN A 240 18.24 30.86 -0.55
C GLN A 240 19.18 30.41 0.56
N THR A 241 20.42 30.90 0.54
CA THR A 241 21.39 30.55 1.58
C THR A 241 20.74 30.94 2.91
N VAL A 242 20.82 30.07 3.89
CA VAL A 242 20.21 30.40 5.17
C VAL A 242 21.13 30.11 6.34
N ASP A 243 20.75 30.61 7.50
CA ASP A 243 21.52 30.41 8.72
C ASP A 243 21.53 28.93 9.10
N TYR A 244 22.60 28.50 9.75
CA TYR A 244 22.77 27.11 10.17
C TYR A 244 21.62 26.64 11.07
N LYS A 245 21.01 27.56 11.79
CA LYS A 245 19.90 27.20 12.67
C LYS A 245 18.71 26.72 11.84
N VAL A 246 18.34 27.50 10.83
CA VAL A 246 17.25 27.13 9.97
C VAL A 246 17.56 25.81 9.28
N THR A 247 18.80 25.65 8.84
CA THR A 247 19.23 24.42 8.17
C THR A 247 18.99 23.21 9.06
N LEU A 248 19.40 23.31 10.32
CA LEU A 248 19.24 22.21 11.27
C LEU A 248 17.76 21.83 11.40
N ASN A 249 16.90 22.83 11.55
CA ASN A 249 15.47 22.58 11.72
C ASN A 249 14.84 21.92 10.49
N ARG A 250 15.37 22.26 9.32
CA ARG A 250 14.87 21.68 8.07
C ARG A 250 15.16 20.19 8.04
N VAL A 251 16.41 19.82 8.33
CA VAL A 251 16.78 18.41 8.33
C VAL A 251 15.85 17.64 9.26
N VAL A 252 15.61 18.18 10.45
CA VAL A 252 14.72 17.56 11.43
C VAL A 252 13.28 17.56 10.91
N GLY A 253 12.87 18.69 10.32
CA GLY A 253 11.52 18.80 9.82
C GLY A 253 11.20 17.80 8.72
N VAL A 254 12.13 17.63 7.79
CA VAL A 254 11.92 16.68 6.70
C VAL A 254 11.84 15.27 7.26
N ALA A 255 12.78 14.92 8.14
CA ALA A 255 12.80 13.60 8.74
C ALA A 255 11.49 13.36 9.48
N TYR A 256 11.04 14.37 10.22
CA TYR A 256 9.79 14.24 10.95
C TYR A 256 8.64 14.02 9.99
N SER A 257 8.55 14.88 8.97
CA SER A 257 7.49 14.77 7.99
C SER A 257 7.44 13.38 7.36
N ASN A 258 8.60 12.86 6.98
CA ASN A 258 8.71 11.55 6.36
C ASN A 258 8.09 10.47 7.24
N ILE A 259 8.60 10.34 8.47
CA ILE A 259 8.11 9.31 9.37
C ILE A 259 6.64 9.55 9.72
N ASN A 260 6.24 10.81 9.90
CA ASN A 260 4.85 11.10 10.20
C ASN A 260 3.92 10.71 9.04
N GLU A 261 4.30 11.03 7.81
CA GLU A 261 3.48 10.68 6.64
C GLU A 261 3.46 9.17 6.46
N MSE A 262 4.53 8.49 6.87
CA MSE A 262 4.57 7.04 6.79
C MSE A 262 3.49 6.48 7.69
O MSE A 262 2.79 5.54 7.31
CB MSE A 262 5.94 6.51 7.22
CG MSE A 262 6.98 6.44 6.12
SE MSE A 262 8.56 5.52 6.75
CE MSE A 262 7.74 3.82 7.15
N HIS A 263 3.37 7.05 8.88
CA HIS A 263 2.37 6.62 9.87
C HIS A 263 0.96 6.82 9.30
N LYS A 264 0.73 7.97 8.66
CA LYS A 264 -0.58 8.25 8.07
C LYS A 264 -0.89 7.33 6.88
N ALA A 265 0.11 7.09 6.03
CA ALA A 265 -0.06 6.23 4.88
C ALA A 265 -0.39 4.81 5.33
N LEU A 266 0.33 4.32 6.33
CA LEU A 266 0.09 2.96 6.82
C LEU A 266 -1.33 2.86 7.34
N ASP A 267 -1.72 3.83 8.15
CA ASP A 267 -3.06 3.84 8.71
C ASP A 267 -4.12 3.82 7.60
N ASP A 268 -3.89 4.61 6.56
CA ASP A 268 -4.81 4.66 5.44
C ASP A 268 -4.81 3.35 4.68
N ALA A 269 -3.62 2.75 4.55
CA ALA A 269 -3.45 1.49 3.84
C ALA A 269 -4.16 0.35 4.57
N ILE A 270 -4.17 0.42 5.89
CA ILE A 270 -4.81 -0.61 6.70
C ILE A 270 -6.30 -0.63 6.43
N ASN A 271 -6.93 0.53 6.58
CA ASN A 271 -8.36 0.64 6.36
C ASN A 271 -8.74 0.23 4.96
N ALA A 272 -7.89 0.55 4.00
CA ALA A 272 -8.14 0.24 2.60
C ALA A 272 -7.78 -1.19 2.16
N LEU A 273 -6.61 -1.68 2.57
CA LEU A 273 -6.20 -3.03 2.16
C LEU A 273 -6.85 -4.16 2.95
N THR A 274 -7.49 -3.84 4.07
CA THR A 274 -8.14 -4.86 4.87
C THR A 274 -9.21 -5.55 4.04
N TYR A 275 -9.69 -4.87 3.01
CA TYR A 275 -10.71 -5.46 2.17
C TYR A 275 -10.26 -6.74 1.49
N MSE A 276 -8.95 -6.89 1.29
CA MSE A 276 -8.45 -8.11 0.66
C MSE A 276 -8.76 -9.33 1.50
O MSE A 276 -9.11 -10.40 0.98
CB MSE A 276 -6.95 -8.02 0.43
CG MSE A 276 -6.55 -6.95 -0.55
SE MSE A 276 -4.75 -7.19 -1.17
CE MSE A 276 -5.14 -7.55 -3.01
N SER A 277 -8.64 -9.20 2.82
CA SER A 277 -8.95 -10.29 3.72
C SER A 277 -10.45 -10.58 3.65
N THR A 278 -11.25 -9.53 3.71
CA THR A 278 -12.69 -9.69 3.65
C THR A 278 -13.09 -10.43 2.38
N GLN A 279 -12.53 -9.99 1.26
CA GLN A 279 -12.82 -10.58 -0.04
C GLN A 279 -12.55 -12.08 -0.08
N TRP A 280 -11.41 -12.52 0.44
CA TRP A 280 -11.08 -13.94 0.42
C TRP A 280 -11.98 -14.71 1.37
N HIS A 281 -12.36 -14.07 2.47
CA HIS A 281 -13.25 -14.71 3.43
C HIS A 281 -14.57 -14.94 2.72
N ASP A 282 -15.07 -13.91 2.04
CA ASP A 282 -16.34 -14.01 1.31
C ASP A 282 -16.28 -15.09 0.25
N LEU A 283 -15.18 -15.12 -0.50
CA LEU A 283 -15.02 -16.11 -1.56
C LEU A 283 -15.05 -17.51 -1.01
N ASP A 284 -14.44 -17.71 0.15
CA ASP A 284 -14.42 -19.03 0.78
C ASP A 284 -15.86 -19.47 1.01
N SER A 285 -16.67 -18.57 1.54
CA SER A 285 -18.07 -18.84 1.81
C SER A 285 -18.84 -19.06 0.51
N GLN A 286 -18.60 -18.19 -0.46
CA GLN A 286 -19.25 -18.29 -1.77
C GLN A 286 -18.95 -19.62 -2.47
N TYR A 287 -17.71 -20.09 -2.33
CA TYR A 287 -17.32 -21.35 -2.95
C TYR A 287 -17.88 -22.54 -2.19
N SER A 288 -18.16 -22.36 -0.90
CA SER A 288 -18.75 -23.43 -0.12
C SER A 288 -20.19 -23.54 -0.60
N GLY A 289 -20.83 -22.39 -0.81
CA GLY A 289 -22.18 -22.38 -1.30
C GLY A 289 -22.25 -23.13 -2.62
N VAL A 290 -21.29 -22.86 -3.50
CA VAL A 290 -21.25 -23.53 -4.80
C VAL A 290 -21.14 -25.03 -4.64
N LEU A 291 -20.31 -25.49 -3.69
CA LEU A 291 -20.18 -26.93 -3.48
C LEU A 291 -21.54 -27.53 -3.15
N GLY A 292 -22.30 -26.85 -2.30
CA GLY A 292 -23.61 -27.33 -1.92
C GLY A 292 -24.55 -27.43 -3.09
N HIS A 293 -24.50 -26.44 -3.99
CA HIS A 293 -25.36 -26.46 -5.17
C HIS A 293 -24.95 -27.59 -6.12
N ILE A 294 -23.65 -27.82 -6.26
CA ILE A 294 -23.16 -28.90 -7.12
C ILE A 294 -23.67 -30.22 -6.58
N GLU A 295 -23.44 -30.45 -5.29
CA GLU A 295 -23.88 -31.66 -4.63
C GLU A 295 -25.39 -31.87 -4.82
N ASN A 296 -26.16 -30.82 -4.59
CA ASN A 296 -27.61 -30.89 -4.73
C ASN A 296 -28.07 -31.22 -6.16
N ALA A 297 -27.53 -30.48 -7.12
CA ALA A 297 -27.86 -30.65 -8.53
C ALA A 297 -27.44 -32.01 -9.05
N ALA A 298 -26.42 -32.61 -8.43
CA ALA A 298 -25.91 -33.91 -8.85
C ALA A 298 -26.95 -35.02 -8.71
N GLN A 299 -28.03 -34.76 -7.96
CA GLN A 299 -29.08 -35.75 -7.75
C GLN A 299 -30.06 -35.78 -8.92
N LYS A 300 -30.27 -34.63 -9.54
CA LYS A 300 -31.18 -34.50 -10.68
C LYS A 300 -30.74 -35.44 -11.81
N ALA A 301 -31.70 -35.86 -12.63
CA ALA A 301 -31.41 -36.75 -13.75
C ALA A 301 -30.96 -35.95 -14.98
N ASP A 302 -31.73 -34.91 -15.32
CA ASP A 302 -31.47 -34.03 -16.46
C ASP A 302 -29.99 -33.83 -16.80
N GLN A 303 -29.67 -33.83 -18.09
CA GLN A 303 -28.29 -33.67 -18.54
C GLN A 303 -27.77 -32.26 -18.28
N ASN A 304 -28.69 -31.31 -18.16
CA ASN A 304 -28.31 -29.92 -17.93
C ASN A 304 -28.32 -29.50 -16.47
N LYS A 305 -28.27 -30.48 -15.56
CA LYS A 305 -28.30 -30.17 -14.13
C LYS A 305 -27.23 -29.19 -13.62
N PHE A 306 -26.12 -29.08 -14.32
CA PHE A 306 -25.06 -28.16 -13.92
C PHE A 306 -24.94 -26.89 -14.79
N LYS A 307 -25.78 -26.79 -15.83
CA LYS A 307 -25.75 -25.63 -16.71
C LYS A 307 -25.88 -24.30 -15.98
N PHE A 308 -26.58 -24.29 -14.86
CA PHE A 308 -26.80 -23.08 -14.06
C PHE A 308 -25.50 -22.47 -13.58
N LEU A 309 -24.48 -23.29 -13.42
CA LEU A 309 -23.17 -22.85 -12.95
C LEU A 309 -22.34 -22.20 -14.07
N LYS A 310 -22.70 -22.51 -15.32
CA LYS A 310 -21.96 -21.98 -16.46
C LYS A 310 -21.80 -20.46 -16.49
N PRO A 311 -22.90 -19.68 -16.41
CA PRO A 311 -22.70 -18.23 -16.44
C PRO A 311 -21.83 -17.74 -15.27
N ASN A 312 -21.95 -18.41 -14.14
CA ASN A 312 -21.18 -18.07 -12.95
C ASN A 312 -19.70 -18.32 -13.25
N LEU A 313 -19.42 -19.51 -13.79
CA LEU A 313 -18.06 -19.93 -14.14
C LEU A 313 -17.43 -18.98 -15.16
N ASN A 314 -18.17 -18.68 -16.22
CA ASN A 314 -17.70 -17.79 -17.27
C ASN A 314 -17.44 -16.36 -16.81
N ALA A 315 -18.27 -15.85 -15.91
CA ALA A 315 -18.11 -14.50 -15.40
C ALA A 315 -16.85 -14.43 -14.52
N ALA A 316 -16.59 -15.49 -13.76
CA ALA A 316 -15.41 -15.53 -12.90
C ALA A 316 -14.14 -15.64 -13.75
N LYS A 317 -14.20 -16.45 -14.80
CA LYS A 317 -13.06 -16.63 -15.70
C LYS A 317 -12.53 -15.27 -16.16
N ASP A 318 -13.42 -14.43 -16.66
CA ASP A 318 -13.02 -13.11 -17.15
C ASP A 318 -12.64 -12.13 -16.04
N SER A 319 -13.40 -12.14 -14.96
CA SER A 319 -13.16 -11.25 -13.83
C SER A 319 -11.78 -11.51 -13.22
N TRP A 320 -11.49 -12.78 -12.95
CA TRP A 320 -10.20 -13.11 -12.36
C TRP A 320 -9.07 -12.77 -13.33
N LYS A 321 -9.34 -12.87 -14.63
CA LYS A 321 -8.30 -12.54 -15.60
C LYS A 321 -7.97 -11.04 -15.58
N THR A 322 -9.00 -10.20 -15.49
CA THR A 322 -8.78 -8.75 -15.47
C THR A 322 -8.05 -8.37 -14.18
N LEU A 323 -8.50 -8.93 -13.06
CA LEU A 323 -7.85 -8.64 -11.79
C LEU A 323 -6.37 -9.05 -11.83
N ARG A 324 -6.09 -10.25 -12.35
CA ARG A 324 -4.72 -10.75 -12.44
C ARG A 324 -3.85 -9.83 -13.28
N THR A 325 -4.37 -9.39 -14.41
CA THR A 325 -3.62 -8.51 -15.28
C THR A 325 -3.26 -7.23 -14.54
N ASP A 326 -4.23 -6.67 -13.83
CA ASP A 326 -3.96 -5.44 -13.07
C ASP A 326 -3.01 -5.74 -11.92
N ALA A 327 -3.16 -6.91 -11.30
CA ALA A 327 -2.28 -7.28 -10.21
C ALA A 327 -0.84 -7.32 -10.72
N VAL A 328 -0.64 -7.82 -11.93
CA VAL A 328 0.70 -7.89 -12.50
C VAL A 328 1.20 -6.49 -12.87
N THR A 329 0.29 -5.65 -13.37
CA THR A 329 0.66 -4.29 -13.74
C THR A 329 1.13 -3.55 -12.50
N LEU A 330 0.40 -3.73 -11.40
CA LEU A 330 0.73 -3.10 -10.12
C LEU A 330 2.05 -3.62 -9.57
N LYS A 331 2.26 -4.93 -9.66
CA LYS A 331 3.50 -5.53 -9.16
C LYS A 331 4.71 -4.96 -9.89
N GLU A 332 4.61 -4.79 -11.21
CA GLU A 332 5.71 -4.25 -11.97
C GLU A 332 5.86 -2.77 -11.63
N GLY A 333 4.72 -2.10 -11.49
CA GLY A 333 4.75 -0.70 -11.14
C GLY A 333 5.44 -0.50 -9.80
N ILE A 334 5.16 -1.40 -8.85
CA ILE A 334 5.77 -1.30 -7.53
C ILE A 334 7.27 -1.56 -7.60
N LYS A 335 7.66 -2.59 -8.35
CA LYS A 335 9.08 -2.95 -8.49
C LYS A 335 9.87 -1.88 -9.26
N GLU A 336 9.17 -1.06 -10.03
CA GLU A 336 9.82 -0.02 -10.80
C GLU A 336 9.87 1.33 -10.07
N LEU A 337 9.43 1.35 -8.82
CA LEU A 337 9.44 2.60 -8.05
C LEU A 337 10.87 3.03 -7.77
N LYS A 338 11.19 4.27 -8.13
CA LYS A 338 12.53 4.80 -7.94
C LYS A 338 12.61 6.32 -8.02
N VAL A 339 13.16 6.94 -6.99
CA VAL A 339 13.32 8.39 -6.98
C VAL A 339 14.63 8.67 -7.71
N GLU A 340 14.61 9.64 -8.62
CA GLU A 340 15.82 9.98 -9.37
C GLU A 340 16.47 11.19 -8.72
N THR A 341 17.70 11.03 -8.26
CA THR A 341 18.42 12.12 -7.61
C THR A 341 18.96 13.12 -8.62
#